data_7E1T
#
_entry.id   7E1T
#
_cell.length_a   67.421
_cell.length_b   67.646
_cell.length_c   118.516
_cell.angle_alpha   90.000
_cell.angle_beta   90.000
_cell.angle_gamma   90.000
#
_symmetry.space_group_name_H-M   'P 21 21 21'
#
loop_
_entity.id
_entity.type
_entity.pdbx_description
1 polymer 'Ras-related protein Rab-9A'
2 polymer 'Isoform 2 of Nuclear distribution protein nudE homolog 1'
3 non-polymer 'MAGNESIUM ION'
4 non-polymer "GUANOSINE-5'-TRIPHOSPHATE"
5 water water
#
loop_
_entity_poly.entity_id
_entity_poly.type
_entity_poly.pdbx_seq_one_letter_code
_entity_poly.pdbx_strand_id
1 'polypeptide(L)'
;GAMAGKSSLFKVILLGDGGVGKSSLMNRYVTNKFDTQLFHTIGVEFLNKDLEVDGHFVTMQIWDTAGLERFRSLRTPFYR
GSDCCLLTFSVDDSQSFQNLSNWKKEFIYYADVKEPESFPFVILGNKIDISERQVSTEEAQAWCRDNGDYPYFETSAKDA
TNVAAAFEEAVRRVLATEDRSDHLIQTDTVNLHRKPKPSSSCC
;
A,B
2 'polypeptide(L)' MDDLAQTKAIKDQLQKYIRELEQANDDLERAKRATIMSLEDFEQRLNQAIERNAFLESELDEKENLLESVQR C,D
#
# COMPACT_ATOMS: atom_id res chain seq x y z
N SER A 8 8.94 2.28 -25.59
CA SER A 8 8.70 2.76 -24.22
C SER A 8 9.21 1.78 -23.17
N LEU A 9 8.44 1.67 -22.09
CA LEU A 9 8.84 0.92 -20.90
C LEU A 9 8.42 -0.54 -21.05
N PHE A 10 9.39 -1.43 -21.10
CA PHE A 10 9.12 -2.85 -21.20
C PHE A 10 8.66 -3.36 -19.85
N LYS A 11 7.47 -3.97 -19.81
CA LYS A 11 6.93 -4.60 -18.62
C LYS A 11 7.07 -6.10 -18.72
N VAL A 12 7.87 -6.69 -17.84
CA VAL A 12 7.98 -8.13 -17.75
C VAL A 12 7.64 -8.54 -16.34
N ILE A 13 6.90 -9.65 -16.22
CA ILE A 13 6.23 -10.05 -14.99
C ILE A 13 6.56 -11.51 -14.66
N LEU A 14 6.73 -11.79 -13.37
CA LEU A 14 7.14 -13.10 -12.88
C LEU A 14 5.97 -13.82 -12.24
N LEU A 15 5.63 -14.99 -12.78
CA LEU A 15 4.60 -15.86 -12.20
C LEU A 15 5.18 -17.23 -11.85
N GLY A 16 4.58 -17.88 -10.87
CA GLY A 16 4.99 -19.22 -10.50
C GLY A 16 4.62 -19.50 -9.05
N ASP A 17 4.75 -20.77 -8.68
CA ASP A 17 4.36 -21.21 -7.34
C ASP A 17 5.09 -20.45 -6.25
N GLY A 18 4.45 -20.35 -5.09
CA GLY A 18 5.09 -19.75 -3.94
C GLY A 18 6.40 -20.44 -3.62
N GLY A 19 7.44 -19.62 -3.40
CA GLY A 19 8.73 -20.13 -2.94
C GLY A 19 9.66 -20.66 -4.01
N VAL A 20 9.31 -20.50 -5.29
CA VAL A 20 10.22 -20.96 -6.35
C VAL A 20 11.45 -20.05 -6.48
N GLY A 21 11.35 -18.80 -6.02
CA GLY A 21 12.46 -17.85 -6.09
C GLY A 21 12.24 -16.62 -6.97
N LYS A 22 10.98 -16.26 -7.23
CA LYS A 22 10.66 -15.12 -8.09
C LYS A 22 11.22 -13.81 -7.54
N SER A 23 10.96 -13.53 -6.28
CA SER A 23 11.46 -12.32 -5.65
C SER A 23 12.99 -12.36 -5.52
N SER A 24 13.52 -13.57 -5.37
CA SER A 24 14.97 -13.76 -5.24
C SER A 24 15.68 -13.53 -6.57
N LEU A 25 15.06 -13.97 -7.68
CA LEU A 25 15.61 -13.66 -9.00
C LEU A 25 15.57 -12.16 -9.29
N MET A 26 14.43 -11.52 -9.01
CA MET A 26 14.31 -10.09 -9.29
C MET A 26 15.29 -9.28 -8.45
N ASN A 27 15.37 -9.56 -7.14
CA ASN A 27 16.32 -8.87 -6.27
C ASN A 27 17.78 -9.12 -6.63
N ARG A 28 18.10 -10.36 -7.03
CA ARG A 28 19.45 -10.67 -7.46
C ARG A 28 19.81 -9.89 -8.73
N TYR A 29 18.86 -9.78 -9.65
CA TYR A 29 19.12 -9.14 -10.93
C TYR A 29 19.23 -7.63 -10.80
N VAL A 30 18.41 -7.03 -9.94
CA VAL A 30 18.31 -5.57 -9.83
C VAL A 30 19.27 -5.01 -8.78
N THR A 31 19.35 -5.63 -7.60
CA THR A 31 20.15 -5.09 -6.51
C THR A 31 21.35 -5.96 -6.14
N ASN A 32 21.47 -7.14 -6.77
CA ASN A 32 22.59 -8.06 -6.55
C ASN A 32 22.71 -8.55 -5.09
N LYS A 33 21.56 -8.73 -4.45
CA LYS A 33 21.47 -9.27 -3.11
C LYS A 33 20.69 -10.59 -3.16
N PHE A 34 20.95 -11.47 -2.19
CA PHE A 34 20.17 -12.70 -2.01
C PHE A 34 19.96 -12.93 -0.53
N ASP A 35 18.78 -13.39 -0.15
CA ASP A 35 18.48 -13.64 1.24
C ASP A 35 17.89 -15.03 1.44
N THR A 36 18.31 -15.68 2.51
CA THR A 36 17.84 -17.01 2.88
C THR A 36 16.38 -17.03 3.36
N GLN A 37 15.98 -16.02 4.14
CA GLN A 37 14.63 -15.96 4.70
C GLN A 37 13.90 -14.72 4.18
N LEU A 38 13.55 -14.75 2.90
CA LEU A 38 12.69 -13.74 2.31
C LEU A 38 11.24 -13.97 2.72
N PHE A 39 10.52 -12.90 3.03
CA PHE A 39 9.06 -13.02 3.23
C PHE A 39 8.37 -13.35 1.91
N HIS A 40 7.34 -14.18 1.99
CA HIS A 40 6.47 -14.45 0.86
C HIS A 40 5.80 -13.15 0.43
N THR A 41 5.72 -12.93 -0.88
CA THR A 41 5.16 -11.69 -1.42
C THR A 41 3.66 -11.60 -1.12
N ILE A 42 3.22 -10.43 -0.65
CA ILE A 42 1.81 -10.13 -0.45
C ILE A 42 1.36 -9.24 -1.62
N GLY A 43 0.75 -9.84 -2.62
CA GLY A 43 0.28 -9.11 -3.80
C GLY A 43 1.35 -9.01 -4.89
N VAL A 44 1.74 -7.78 -5.21
CA VAL A 44 2.70 -7.50 -6.28
C VAL A 44 3.80 -6.55 -5.80
N GLU A 45 4.87 -6.48 -6.59
CA GLU A 45 5.94 -5.50 -6.43
C GLU A 45 6.47 -5.19 -7.82
N PHE A 46 7.16 -4.05 -7.94
CA PHE A 46 7.86 -3.76 -9.19
C PHE A 46 9.13 -2.97 -8.92
N LEU A 47 10.17 -3.29 -9.69
CA LEU A 47 11.43 -2.58 -9.65
C LEU A 47 11.78 -2.15 -11.07
N ASN A 48 12.26 -0.92 -11.20
CA ASN A 48 12.78 -0.45 -12.48
C ASN A 48 14.15 -1.03 -12.73
N LYS A 49 14.47 -1.22 -14.00
CA LYS A 49 15.77 -1.76 -14.39
C LYS A 49 16.06 -1.29 -15.80
N ASP A 50 17.19 -0.62 -15.99
CA ASP A 50 17.56 -0.11 -17.31
C ASP A 50 18.85 -0.79 -17.74
N LEU A 51 18.96 -1.05 -19.03
CA LEU A 51 20.02 -1.92 -19.52
C LEU A 51 20.25 -1.67 -21.01
N GLU A 52 21.34 -2.23 -21.51
CA GLU A 52 21.56 -2.36 -22.95
C GLU A 52 21.38 -3.79 -23.35
N VAL A 53 20.61 -4.02 -24.41
CA VAL A 53 20.46 -5.35 -24.98
C VAL A 53 20.80 -5.22 -26.45
N ASP A 54 21.75 -6.02 -26.91
CA ASP A 54 22.25 -5.98 -28.28
C ASP A 54 22.50 -4.54 -28.74
N GLY A 55 23.00 -3.71 -27.82
CA GLY A 55 23.26 -2.29 -28.09
C GLY A 55 22.05 -1.36 -28.11
N HIS A 56 20.86 -1.87 -27.84
CA HIS A 56 19.68 -1.04 -27.66
C HIS A 56 19.52 -0.67 -26.20
N PHE A 57 19.35 0.62 -25.92
CA PHE A 57 19.02 1.05 -24.58
C PHE A 57 17.57 0.75 -24.29
N VAL A 58 17.31 0.11 -23.15
CA VAL A 58 15.98 -0.37 -22.81
C VAL A 58 15.66 0.06 -21.39
N THR A 59 14.46 0.61 -21.20
CA THR A 59 13.90 0.85 -19.88
C THR A 59 12.92 -0.27 -19.57
N MET A 60 13.03 -0.82 -18.37
CA MET A 60 12.29 -2.02 -18.01
C MET A 60 11.73 -1.89 -16.61
N GLN A 61 10.59 -2.53 -16.40
CA GLN A 61 9.93 -2.58 -15.12
C GLN A 61 9.62 -4.05 -14.86
N ILE A 62 10.30 -4.63 -13.86
CA ILE A 62 10.14 -6.02 -13.50
C ILE A 62 9.03 -6.10 -12.46
N TRP A 63 7.98 -6.87 -12.78
CA TRP A 63 6.87 -7.09 -11.86
C TRP A 63 6.98 -8.45 -11.20
N ASP A 64 6.84 -8.45 -9.88
CA ASP A 64 6.93 -9.63 -9.05
C ASP A 64 5.58 -9.89 -8.44
N THR A 65 5.08 -11.11 -8.56
CA THR A 65 3.74 -11.46 -8.09
C THR A 65 3.79 -12.54 -7.04
N ALA A 66 2.75 -12.57 -6.19
CA ALA A 66 2.63 -13.59 -5.15
C ALA A 66 2.30 -14.93 -5.79
N GLY A 67 2.93 -15.99 -5.29
CA GLY A 67 2.67 -17.33 -5.79
C GLY A 67 1.46 -17.98 -5.14
N LEU A 68 1.22 -17.63 -3.88
CA LEU A 68 0.20 -18.31 -3.07
C LEU A 68 -1.20 -18.00 -3.58
N GLU A 69 -2.04 -19.04 -3.61
CA GLU A 69 -3.34 -18.95 -4.26
C GLU A 69 -4.24 -17.90 -3.65
N ARG A 70 -4.19 -17.71 -2.33
CA ARG A 70 -5.17 -16.83 -1.71
C ARG A 70 -4.96 -15.37 -2.14
N PHE A 71 -3.78 -15.06 -2.70
CA PHE A 71 -3.45 -13.71 -3.19
C PHE A 71 -3.71 -13.53 -4.67
N ARG A 72 -4.46 -14.44 -5.30
CA ARG A 72 -4.77 -14.32 -6.71
C ARG A 72 -5.38 -12.96 -7.04
N SER A 73 -6.34 -12.52 -6.23
CA SER A 73 -7.08 -11.30 -6.51
C SER A 73 -6.21 -10.05 -6.42
N LEU A 74 -5.06 -10.12 -5.75
CA LEU A 74 -4.12 -9.00 -5.65
C LEU A 74 -3.23 -8.88 -6.87
N ARG A 75 -2.86 -10.02 -7.46
CA ARG A 75 -1.88 -10.03 -8.56
C ARG A 75 -2.50 -9.75 -9.92
N THR A 76 -3.70 -10.31 -10.17
CA THR A 76 -4.22 -10.39 -11.52
C THR A 76 -4.64 -9.05 -12.14
N PRO A 77 -5.08 -8.05 -11.35
CA PRO A 77 -5.29 -6.72 -11.96
C PRO A 77 -4.06 -6.16 -12.64
N PHE A 78 -2.87 -6.58 -12.22
CA PHE A 78 -1.63 -6.03 -12.73
C PHE A 78 -1.04 -6.77 -13.92
N TYR A 79 -1.77 -7.75 -14.47
CA TYR A 79 -1.29 -8.48 -15.64
C TYR A 79 -1.40 -7.63 -16.89
N ARG A 80 -2.47 -6.82 -16.97
CA ARG A 80 -2.76 -5.96 -18.11
CA ARG A 80 -2.74 -6.01 -18.15
C ARG A 80 -1.51 -5.18 -18.53
N GLY A 81 -1.25 -5.13 -19.83
CA GLY A 81 -0.15 -4.34 -20.39
C GLY A 81 1.24 -4.92 -20.24
N SER A 82 1.36 -6.18 -19.85
CA SER A 82 2.66 -6.83 -19.71
C SER A 82 3.18 -7.21 -21.08
N ASP A 83 4.48 -7.03 -21.28
CA ASP A 83 5.08 -7.31 -22.58
C ASP A 83 5.64 -8.71 -22.71
N CYS A 84 6.13 -9.27 -21.59
CA CYS A 84 6.62 -10.62 -21.56
C CYS A 84 6.34 -11.21 -20.19
N CYS A 85 6.10 -12.52 -20.17
CA CYS A 85 5.79 -13.22 -18.94
C CYS A 85 6.85 -14.26 -18.67
N LEU A 86 7.43 -14.22 -17.47
CA LEU A 86 8.44 -15.20 -17.07
C LEU A 86 7.80 -16.23 -16.17
N LEU A 87 7.58 -17.42 -16.69
CA LEU A 87 7.02 -18.53 -15.91
C LEU A 87 8.16 -19.26 -15.22
N THR A 88 8.06 -19.33 -13.89
CA THR A 88 9.17 -19.74 -13.04
C THR A 88 8.80 -20.95 -12.19
N PHE A 89 9.70 -21.93 -12.16
CA PHE A 89 9.56 -23.05 -11.23
C PHE A 89 10.91 -23.31 -10.57
N SER A 90 10.92 -24.13 -9.56
CA SER A 90 12.09 -24.58 -8.90
C SER A 90 12.39 -26.00 -9.40
N VAL A 91 13.64 -26.30 -9.71
CA VAL A 91 14.01 -27.64 -10.19
C VAL A 91 14.01 -28.71 -9.08
N ASP A 92 13.89 -28.29 -7.83
CA ASP A 92 13.73 -29.20 -6.71
C ASP A 92 12.26 -29.41 -6.32
N ASP A 93 11.35 -28.91 -7.16
CA ASP A 93 9.91 -28.95 -6.87
C ASP A 93 9.13 -29.33 -8.14
N SER A 94 8.88 -30.64 -8.29
CA SER A 94 8.19 -31.14 -9.48
C SER A 94 6.76 -30.62 -9.58
N GLN A 95 6.13 -30.31 -8.45
CA GLN A 95 4.81 -29.69 -8.48
C GLN A 95 4.85 -28.30 -9.10
N SER A 96 5.87 -27.51 -8.78
CA SER A 96 6.00 -26.17 -9.39
C SER A 96 6.16 -26.27 -10.91
N PHE A 97 6.81 -27.33 -11.38
CA PHE A 97 7.00 -27.55 -12.80
C PHE A 97 5.70 -27.99 -13.48
N GLN A 98 4.95 -28.86 -12.80
CA GLN A 98 3.68 -29.33 -13.34
C GLN A 98 2.65 -28.19 -13.43
N ASN A 99 2.79 -27.20 -12.57
CA ASN A 99 1.85 -26.08 -12.58
C ASN A 99 2.13 -24.99 -13.62
N LEU A 100 3.19 -25.14 -14.44
CA LEU A 100 3.53 -24.12 -15.42
C LEU A 100 2.37 -23.84 -16.37
N SER A 101 1.68 -24.88 -16.81
CA SER A 101 0.50 -24.72 -17.65
C SER A 101 -0.60 -23.92 -16.96
N ASN A 102 -0.82 -24.19 -15.67
CA ASN A 102 -1.80 -23.45 -14.90
C ASN A 102 -1.44 -21.96 -14.77
N TRP A 103 -0.15 -21.66 -14.62
CA TRP A 103 0.27 -20.26 -14.60
C TRP A 103 0.11 -19.58 -15.95
N LYS A 104 0.50 -20.28 -17.03
CA LYS A 104 0.32 -19.74 -18.37
C LYS A 104 -1.15 -19.37 -18.62
N LYS A 105 -2.06 -20.31 -18.32
CA LYS A 105 -3.49 -20.05 -18.47
C LYS A 105 -3.98 -18.91 -17.58
N GLU A 106 -3.50 -18.82 -16.33
CA GLU A 106 -3.93 -17.72 -15.46
C GLU A 106 -3.51 -16.36 -16.03
N PHE A 107 -2.28 -16.28 -16.56
CA PHE A 107 -1.84 -15.06 -17.22
C PHE A 107 -2.74 -14.67 -18.38
N ILE A 108 -2.97 -15.61 -19.31
CA ILE A 108 -3.74 -15.33 -20.53
C ILE A 108 -5.17 -14.92 -20.21
N TYR A 109 -5.77 -15.55 -19.21
CA TYR A 109 -7.14 -15.24 -18.80
C TYR A 109 -7.28 -13.80 -18.30
N TYR A 110 -6.35 -13.35 -17.46
CA TYR A 110 -6.44 -12.03 -16.88
C TYR A 110 -5.68 -10.95 -17.62
N ALA A 111 -4.69 -11.33 -18.44
CA ALA A 111 -3.82 -10.34 -19.09
C ALA A 111 -4.54 -9.58 -20.19
N ASP A 112 -5.53 -10.21 -20.82
CA ASP A 112 -6.36 -9.54 -21.83
C ASP A 112 -5.45 -8.96 -22.93
N VAL A 113 -4.60 -9.83 -23.47
CA VAL A 113 -3.66 -9.46 -24.52
C VAL A 113 -4.24 -9.82 -25.90
N LYS A 114 -4.03 -8.95 -26.88
CA LYS A 114 -4.37 -9.26 -28.28
C LYS A 114 -3.37 -10.26 -28.86
N GLU A 115 -3.91 -11.31 -29.50
CA GLU A 115 -3.16 -12.46 -30.03
C GLU A 115 -2.39 -13.22 -28.94
N PRO A 116 -3.10 -13.83 -27.97
CA PRO A 116 -2.43 -14.48 -26.84
C PRO A 116 -1.59 -15.70 -27.24
N GLU A 117 -1.83 -16.25 -28.43
CA GLU A 117 -1.10 -17.44 -28.89
C GLU A 117 0.33 -17.13 -29.31
N SER A 118 0.66 -15.86 -29.57
CA SER A 118 2.01 -15.47 -29.96
C SER A 118 2.66 -14.56 -28.92
N PHE A 119 2.11 -14.53 -27.71
CA PHE A 119 2.66 -13.74 -26.63
C PHE A 119 3.96 -14.34 -26.14
N PRO A 120 4.97 -13.52 -25.82
CA PRO A 120 6.26 -14.07 -25.39
C PRO A 120 6.24 -14.55 -23.93
N PHE A 121 6.47 -15.84 -23.74
CA PHE A 121 6.77 -16.41 -22.43
C PHE A 121 8.22 -16.86 -22.41
N VAL A 122 8.91 -16.59 -21.29
CA VAL A 122 10.22 -17.19 -21.02
C VAL A 122 10.03 -18.07 -19.79
N ILE A 123 10.67 -19.24 -19.81
CA ILE A 123 10.51 -20.23 -18.76
C ILE A 123 11.80 -20.27 -17.95
N LEU A 124 11.67 -20.22 -16.62
CA LEU A 124 12.83 -20.27 -15.73
C LEU A 124 12.70 -21.44 -14.79
N GLY A 125 13.72 -22.30 -14.80
CA GLY A 125 13.88 -23.31 -13.76
C GLY A 125 14.95 -22.86 -12.78
N ASN A 126 14.52 -22.46 -11.58
CA ASN A 126 15.39 -21.85 -10.58
C ASN A 126 15.92 -22.87 -9.57
N LYS A 127 16.91 -22.43 -8.79
CA LYS A 127 17.48 -23.19 -7.66
C LYS A 127 18.40 -24.32 -8.10
N ILE A 128 19.01 -24.20 -9.28
CA ILE A 128 19.88 -25.26 -9.82
C ILE A 128 21.16 -25.48 -8.99
N ASP A 129 21.35 -24.69 -7.95
CA ASP A 129 22.44 -24.96 -7.00
C ASP A 129 22.16 -26.21 -6.17
N ILE A 130 20.88 -26.54 -5.97
CA ILE A 130 20.47 -27.71 -5.19
C ILE A 130 20.78 -28.97 -6.01
N SER A 131 21.56 -29.87 -5.42
CA SER A 131 22.02 -31.05 -6.16
C SER A 131 20.90 -32.06 -6.38
N GLU A 132 20.05 -32.28 -5.38
CA GLU A 132 18.96 -33.26 -5.45
C GLU A 132 17.75 -32.70 -6.22
N ARG A 133 17.84 -32.77 -7.54
CA ARG A 133 16.81 -32.24 -8.43
C ARG A 133 15.59 -33.15 -8.52
N GLN A 134 14.40 -32.55 -8.61
CA GLN A 134 13.17 -33.29 -8.89
C GLN A 134 12.71 -33.14 -10.35
N VAL A 135 13.27 -32.17 -11.07
CA VAL A 135 12.96 -31.94 -12.48
C VAL A 135 14.27 -31.92 -13.27
N SER A 136 14.35 -32.74 -14.31
CA SER A 136 15.55 -32.81 -15.13
C SER A 136 15.51 -31.76 -16.21
N THR A 137 16.70 -31.39 -16.68
CA THR A 137 16.85 -30.41 -17.77
C THR A 137 16.07 -30.85 -19.01
N GLU A 138 16.18 -32.13 -19.35
CA GLU A 138 15.56 -32.67 -20.55
C GLU A 138 14.02 -32.58 -20.51
N GLU A 139 13.41 -32.87 -19.35
CA GLU A 139 11.94 -32.84 -19.32
C GLU A 139 11.41 -31.41 -19.36
N ALA A 140 12.18 -30.47 -18.79
CA ALA A 140 11.82 -29.07 -18.86
C ALA A 140 11.92 -28.56 -20.30
N GLN A 141 12.98 -28.96 -21.00
CA GLN A 141 13.15 -28.59 -22.40
C GLN A 141 12.08 -29.20 -23.29
N ALA A 142 11.74 -30.47 -23.03
CA ALA A 142 10.64 -31.11 -23.74
C ALA A 142 9.35 -30.31 -23.57
N TRP A 143 9.05 -29.92 -22.34
CA TRP A 143 7.84 -29.15 -22.09
C TRP A 143 7.85 -27.80 -22.82
N CYS A 144 8.97 -27.07 -22.73
CA CYS A 144 9.09 -25.78 -23.42
C CYS A 144 8.88 -25.92 -24.92
N ARG A 145 9.52 -26.94 -25.51
CA ARG A 145 9.42 -27.19 -26.94
C ARG A 145 7.98 -27.54 -27.34
N ASP A 146 7.26 -28.22 -26.46
CA ASP A 146 5.95 -28.77 -26.76
C ASP A 146 4.79 -27.91 -26.31
N ASN A 147 5.05 -26.73 -25.80
CA ASN A 147 3.98 -25.88 -25.25
C ASN A 147 4.14 -24.43 -25.66
N GLY A 148 4.70 -24.20 -26.84
CA GLY A 148 4.82 -22.87 -27.37
C GLY A 148 6.21 -22.60 -27.90
N ASP A 149 7.14 -23.52 -27.60
CA ASP A 149 8.55 -23.41 -28.03
C ASP A 149 9.25 -22.20 -27.41
N TYR A 150 9.15 -22.09 -26.10
CA TYR A 150 9.66 -20.94 -25.35
C TYR A 150 11.15 -21.11 -25.02
N PRO A 151 11.87 -19.98 -24.85
CA PRO A 151 13.26 -20.08 -24.36
C PRO A 151 13.27 -20.54 -22.91
N TYR A 152 14.21 -21.44 -22.58
CA TYR A 152 14.34 -22.01 -21.23
C TYR A 152 15.69 -21.62 -20.59
N PHE A 153 15.63 -21.16 -19.35
CA PHE A 153 16.83 -20.79 -18.60
C PHE A 153 16.86 -21.45 -17.24
N GLU A 154 17.97 -22.12 -16.95
CA GLU A 154 18.23 -22.66 -15.63
C GLU A 154 19.00 -21.60 -14.85
N THR A 155 18.54 -21.31 -13.66
CA THR A 155 19.06 -20.18 -12.91
C THR A 155 19.34 -20.59 -11.46
N SER A 156 20.24 -19.84 -10.83
CA SER A 156 20.36 -19.86 -9.39
C SER A 156 20.45 -18.42 -8.92
N ALA A 157 19.39 -17.95 -8.28
CA ALA A 157 19.44 -16.66 -7.58
C ALA A 157 20.50 -16.68 -6.49
N LYS A 158 20.60 -17.81 -5.77
CA LYS A 158 21.55 -17.96 -4.67
C LYS A 158 23.00 -17.81 -5.12
N ASP A 159 23.40 -18.58 -6.15
CA ASP A 159 24.77 -18.55 -6.66
C ASP A 159 24.96 -17.52 -7.77
N ALA A 160 23.91 -16.77 -8.11
CA ALA A 160 23.93 -15.77 -9.18
C ALA A 160 24.31 -16.40 -10.53
N THR A 161 23.63 -17.51 -10.84
CA THR A 161 23.89 -18.26 -12.05
C THR A 161 22.88 -17.86 -13.09
N ASN A 162 23.37 -17.34 -14.21
CA ASN A 162 22.58 -17.19 -15.42
C ASN A 162 21.35 -16.29 -15.21
N VAL A 163 21.45 -15.37 -14.27
CA VAL A 163 20.27 -14.63 -13.84
C VAL A 163 19.97 -13.49 -14.81
N ALA A 164 21.00 -12.73 -15.20
CA ALA A 164 20.82 -11.65 -16.16
C ALA A 164 20.40 -12.17 -17.52
N ALA A 165 20.90 -13.34 -17.91
CA ALA A 165 20.64 -13.88 -19.24
C ALA A 165 19.15 -14.10 -19.48
N ALA A 166 18.42 -14.51 -18.43
CA ALA A 166 16.98 -14.74 -18.57
C ALA A 166 16.22 -13.44 -18.83
N PHE A 167 16.53 -12.39 -18.06
CA PHE A 167 15.86 -11.11 -18.25
C PHE A 167 16.24 -10.44 -19.55
N GLU A 168 17.50 -10.61 -19.97
CA GLU A 168 17.94 -10.08 -21.25
C GLU A 168 17.18 -10.71 -22.41
N GLU A 169 16.97 -12.02 -22.34
CA GLU A 169 16.27 -12.74 -23.40
C GLU A 169 14.81 -12.30 -23.50
N ALA A 170 14.16 -12.11 -22.35
CA ALA A 170 12.83 -11.51 -22.33
C ALA A 170 12.80 -10.19 -23.10
N VAL A 171 13.83 -9.35 -22.91
CA VAL A 171 13.89 -8.08 -23.62
C VAL A 171 14.00 -8.33 -25.12
N ARG A 172 14.82 -9.29 -25.53
CA ARG A 172 14.95 -9.64 -26.94
C ARG A 172 13.62 -10.08 -27.56
N ARG A 173 12.80 -10.77 -26.77
CA ARG A 173 11.50 -11.26 -27.25
C ARG A 173 10.47 -10.14 -27.45
N VAL A 174 10.45 -9.18 -26.52
CA VAL A 174 9.65 -7.96 -26.68
C VAL A 174 10.13 -7.17 -27.90
N LEU A 175 11.45 -6.95 -28.00
CA LEU A 175 12.03 -6.24 -29.15
C LEU A 175 11.68 -6.94 -30.46
N ALA A 176 11.67 -8.27 -30.43
CA ALA A 176 11.23 -9.06 -31.58
C ALA A 176 9.76 -8.79 -31.94
N THR A 177 8.94 -8.50 -30.92
CA THR A 177 7.51 -8.25 -31.12
C THR A 177 7.20 -6.76 -31.29
N SER B 8 7.64 25.79 3.14
CA SER B 8 7.95 24.46 3.72
C SER B 8 6.68 23.64 3.96
N LEU B 9 6.87 22.36 4.28
CA LEU B 9 5.78 21.40 4.40
C LEU B 9 5.34 21.21 5.84
N PHE B 10 4.03 21.12 6.04
CA PHE B 10 3.42 20.92 7.36
C PHE B 10 2.54 19.68 7.35
N LYS B 11 2.93 18.68 8.14
CA LYS B 11 2.14 17.47 8.30
C LYS B 11 1.13 17.68 9.44
N VAL B 12 -0.16 17.54 9.12
CA VAL B 12 -1.23 17.56 10.12
C VAL B 12 -2.03 16.26 10.02
N ILE B 13 -2.51 15.76 11.14
CA ILE B 13 -3.11 14.42 11.19
C ILE B 13 -4.48 14.45 11.86
N LEU B 14 -5.43 13.72 11.27
CA LEU B 14 -6.80 13.60 11.79
C LEU B 14 -6.96 12.30 12.55
N LEU B 15 -7.32 12.42 13.83
CA LEU B 15 -7.62 11.28 14.68
C LEU B 15 -9.05 11.39 15.21
N GLY B 16 -9.69 10.25 15.44
CA GLY B 16 -11.03 10.24 16.03
C GLY B 16 -11.81 9.00 15.68
N ASP B 17 -12.93 8.82 16.37
CA ASP B 17 -13.78 7.63 16.23
C ASP B 17 -14.23 7.39 14.80
N GLY B 18 -14.55 6.12 14.51
CA GLY B 18 -15.05 5.76 13.19
C GLY B 18 -16.34 6.50 12.88
N GLY B 19 -16.42 7.10 11.70
CA GLY B 19 -17.66 7.74 11.24
C GLY B 19 -17.97 9.14 11.73
N VAL B 20 -17.05 9.79 12.46
CA VAL B 20 -17.27 11.16 12.91
C VAL B 20 -17.12 12.19 11.79
N GLY B 21 -16.52 11.79 10.65
CA GLY B 21 -16.41 12.63 9.47
C GLY B 21 -15.01 13.10 9.12
N LYS B 22 -13.99 12.36 9.55
CA LYS B 22 -12.59 12.76 9.30
C LYS B 22 -12.28 12.80 7.81
N SER B 23 -12.67 11.76 7.09
CA SER B 23 -12.45 11.70 5.65
C SER B 23 -13.24 12.79 4.94
N SER B 24 -14.50 12.93 5.33
CA SER B 24 -15.37 13.95 4.75
C SER B 24 -14.81 15.34 5.01
N LEU B 25 -14.29 15.60 6.21
CA LEU B 25 -13.66 16.89 6.49
C LEU B 25 -12.49 17.17 5.55
N MET B 26 -11.67 16.15 5.28
CA MET B 26 -10.50 16.32 4.40
C MET B 26 -10.89 16.49 2.93
N ASN B 27 -11.87 15.71 2.46
CA ASN B 27 -12.35 15.83 1.08
C ASN B 27 -13.09 17.14 0.80
N ARG B 28 -13.79 17.66 1.80
CA ARG B 28 -14.38 18.99 1.71
C ARG B 28 -13.29 20.04 1.57
N TYR B 29 -12.25 19.96 2.41
CA TYR B 29 -11.25 21.01 2.40
C TYR B 29 -10.42 20.97 1.12
N VAL B 30 -10.08 19.78 0.65
CA VAL B 30 -9.12 19.66 -0.44
C VAL B 30 -9.83 19.71 -1.79
N THR B 31 -10.94 19.00 -1.92
CA THR B 31 -11.64 18.89 -3.20
C THR B 31 -13.03 19.55 -3.21
N ASN B 32 -13.46 20.14 -2.09
CA ASN B 32 -14.77 20.80 -1.98
C ASN B 32 -15.93 19.88 -2.41
N LYS B 33 -15.89 18.65 -1.95
CA LYS B 33 -16.92 17.68 -2.28
C LYS B 33 -17.43 17.05 -1.00
N PHE B 34 -18.61 16.45 -1.09
CA PHE B 34 -19.18 15.71 0.02
C PHE B 34 -19.90 14.49 -0.52
N ASP B 35 -19.81 13.40 0.23
CA ASP B 35 -20.37 12.12 -0.16
C ASP B 35 -21.13 11.55 1.03
N THR B 36 -22.38 11.17 0.79
CA THR B 36 -23.17 10.51 1.82
C THR B 36 -22.72 9.07 2.03
N GLN B 37 -22.41 8.37 0.93
CA GLN B 37 -22.11 6.93 0.96
C GLN B 37 -20.62 6.66 1.05
N LEU B 38 -19.92 7.39 1.93
CA LEU B 38 -18.46 7.31 2.00
C LEU B 38 -17.99 6.10 2.80
N PHE B 39 -17.07 5.36 2.21
CA PHE B 39 -16.53 4.14 2.82
C PHE B 39 -15.59 4.47 3.97
N HIS B 40 -15.67 3.64 5.02
CA HIS B 40 -14.74 3.69 6.15
C HIS B 40 -13.30 3.61 5.66
N THR B 41 -12.41 4.39 6.25
CA THR B 41 -11.00 4.40 5.85
C THR B 41 -10.23 3.15 6.32
N ILE B 42 -9.52 2.54 5.38
CA ILE B 42 -8.72 1.35 5.67
C ILE B 42 -7.26 1.78 5.80
N GLY B 43 -6.84 2.03 7.04
CA GLY B 43 -5.46 2.41 7.28
C GLY B 43 -5.30 3.91 7.31
N VAL B 44 -4.46 4.45 6.41
CA VAL B 44 -4.21 5.89 6.32
C VAL B 44 -4.25 6.39 4.89
N GLU B 45 -4.52 7.68 4.77
CA GLU B 45 -4.49 8.39 3.50
C GLU B 45 -3.86 9.76 3.73
N PHE B 46 -3.28 10.33 2.68
CA PHE B 46 -2.90 11.72 2.79
C PHE B 46 -3.19 12.47 1.51
N LEU B 47 -3.39 13.78 1.65
CA LEU B 47 -3.55 14.68 0.53
C LEU B 47 -2.72 15.95 0.77
N ASN B 48 -2.28 16.56 -0.32
CA ASN B 48 -1.51 17.79 -0.27
C ASN B 48 -2.40 18.98 -0.60
N LYS B 49 -2.26 20.06 0.16
CA LYS B 49 -2.88 21.33 -0.21
C LYS B 49 -1.94 22.51 0.03
N ASP B 50 -1.76 23.32 -1.01
CA ASP B 50 -1.04 24.58 -0.94
C ASP B 50 -1.97 25.68 -0.48
N LEU B 51 -1.51 26.50 0.45
CA LEU B 51 -2.28 27.63 0.95
C LEU B 51 -1.33 28.75 1.35
N GLU B 52 -1.89 29.92 1.62
CA GLU B 52 -1.16 31.03 2.21
C GLU B 52 -1.82 31.45 3.51
N VAL B 53 -1.10 31.32 4.62
CA VAL B 53 -1.56 31.74 5.94
C VAL B 53 -0.68 32.88 6.43
N ASP B 54 -1.27 34.06 6.57
CA ASP B 54 -0.61 35.24 7.14
C ASP B 54 0.72 35.56 6.46
N GLY B 55 0.66 35.59 5.13
CA GLY B 55 1.83 35.86 4.30
C GLY B 55 2.67 34.65 3.96
N HIS B 56 2.57 33.59 4.75
CA HIS B 56 3.44 32.42 4.61
C HIS B 56 2.86 31.43 3.61
N PHE B 57 3.56 31.24 2.49
CA PHE B 57 3.16 30.22 1.51
C PHE B 57 3.58 28.84 2.00
N VAL B 58 2.63 27.92 2.05
CA VAL B 58 2.83 26.68 2.80
C VAL B 58 2.15 25.51 2.09
N THR B 59 2.81 24.34 2.11
CA THR B 59 2.15 23.09 1.71
C THR B 59 1.77 22.31 2.96
N MET B 60 0.50 21.97 3.05
CA MET B 60 -0.03 21.19 4.15
C MET B 60 -0.33 19.80 3.63
N GLN B 61 0.31 18.81 4.23
CA GLN B 61 0.02 17.41 3.97
C GLN B 61 -0.95 16.92 5.04
N ILE B 62 -2.16 16.56 4.62
CA ILE B 62 -3.22 16.19 5.55
C ILE B 62 -3.29 14.67 5.62
N TRP B 63 -3.07 14.14 6.82
CA TRP B 63 -3.11 12.70 7.05
C TRP B 63 -4.44 12.30 7.66
N ASP B 64 -5.12 11.40 6.96
CA ASP B 64 -6.39 10.85 7.37
C ASP B 64 -6.16 9.45 7.88
N THR B 65 -6.73 9.12 9.03
CA THR B 65 -6.56 7.77 9.61
C THR B 65 -7.90 7.08 9.82
N ALA B 66 -7.84 5.76 9.92
CA ALA B 66 -9.00 4.94 10.26
C ALA B 66 -9.28 5.04 11.75
N GLY B 67 -10.52 5.38 12.09
CA GLY B 67 -10.92 5.47 13.49
C GLY B 67 -11.24 4.14 14.17
N LEU B 68 -11.61 3.13 13.39
CA LEU B 68 -12.00 1.84 13.98
C LEU B 68 -10.86 1.17 14.73
N GLU B 69 -11.20 0.53 15.86
CA GLU B 69 -10.21 -0.03 16.78
C GLU B 69 -9.25 -1.01 16.11
N ARG B 70 -9.76 -1.87 15.21
CA ARG B 70 -8.95 -2.91 14.57
C ARG B 70 -7.89 -2.36 13.63
N PHE B 71 -7.94 -1.08 13.29
CA PHE B 71 -6.94 -0.50 12.41
C PHE B 71 -5.86 0.29 13.15
N ARG B 72 -5.80 0.17 14.47
CA ARG B 72 -4.79 0.87 15.29
C ARG B 72 -3.37 0.65 14.77
N SER B 73 -2.96 -0.62 14.64
CA SER B 73 -1.62 -0.96 14.18
C SER B 73 -1.34 -0.46 12.76
N LEU B 74 -2.38 -0.17 11.98
CA LEU B 74 -2.22 0.34 10.63
C LEU B 74 -1.89 1.82 10.63
N ARG B 75 -2.50 2.58 11.54
CA ARG B 75 -2.39 4.04 11.55
C ARG B 75 -1.24 4.58 12.41
N THR B 76 -0.95 3.92 13.54
CA THR B 76 0.00 4.45 14.51
C THR B 76 1.43 4.67 13.99
N PRO B 77 1.93 3.85 13.03
CA PRO B 77 3.29 4.15 12.53
C PRO B 77 3.41 5.43 11.72
N PHE B 78 2.28 6.10 11.46
CA PHE B 78 2.27 7.36 10.72
C PHE B 78 1.93 8.55 11.60
N TYR B 79 1.82 8.33 12.91
CA TYR B 79 1.66 9.45 13.84
C TYR B 79 2.93 10.29 13.88
N ARG B 80 4.10 9.65 13.91
CA ARG B 80 5.36 10.36 14.07
C ARG B 80 5.60 11.32 12.90
N GLY B 81 6.10 12.52 13.21
CA GLY B 81 6.35 13.56 12.23
C GLY B 81 5.22 14.57 12.03
N SER B 82 4.10 14.42 12.75
CA SER B 82 2.99 15.37 12.68
C SER B 82 3.35 16.68 13.40
N ASP B 83 3.08 17.81 12.75
CA ASP B 83 3.29 19.11 13.36
C ASP B 83 2.12 19.54 14.24
N CYS B 84 0.95 18.94 14.00
CA CYS B 84 -0.29 19.34 14.64
C CYS B 84 -1.30 18.22 14.51
N CYS B 85 -2.06 17.98 15.57
CA CYS B 85 -3.04 16.91 15.60
C CYS B 85 -4.46 17.47 15.68
N LEU B 86 -5.33 16.98 14.81
CA LEU B 86 -6.75 17.38 14.81
C LEU B 86 -7.61 16.27 15.42
N LEU B 87 -7.99 16.45 16.69
CA LEU B 87 -8.89 15.52 17.37
C LEU B 87 -10.32 15.80 16.96
N THR B 88 -10.96 14.80 16.35
CA THR B 88 -12.28 14.95 15.74
C THR B 88 -13.31 14.08 16.45
N PHE B 89 -14.41 14.71 16.85
CA PHE B 89 -15.55 13.98 17.36
C PHE B 89 -16.78 14.47 16.61
N SER B 90 -17.89 13.76 16.78
CA SER B 90 -19.17 14.14 16.19
C SER B 90 -20.10 14.69 17.26
N VAL B 91 -20.76 15.82 16.97
CA VAL B 91 -21.66 16.42 17.97
C VAL B 91 -22.94 15.59 18.20
N ASP B 92 -23.27 14.71 17.26
CA ASP B 92 -24.40 13.78 17.43
C ASP B 92 -24.01 12.48 18.11
N ASP B 93 -22.75 12.36 18.55
CA ASP B 93 -22.24 11.12 19.13
C ASP B 93 -21.47 11.44 20.40
N SER B 94 -22.13 11.23 21.54
CA SER B 94 -21.52 11.50 22.84
C SER B 94 -20.29 10.65 23.09
N GLN B 95 -20.34 9.38 22.67
CA GLN B 95 -19.22 8.47 22.82
C GLN B 95 -17.96 9.01 22.13
N SER B 96 -18.09 9.51 20.90
CA SER B 96 -16.95 10.06 20.16
C SER B 96 -16.34 11.26 20.87
N PHE B 97 -17.13 11.96 21.68
CA PHE B 97 -16.61 13.08 22.46
C PHE B 97 -15.97 12.60 23.75
N GLN B 98 -16.55 11.58 24.39
CA GLN B 98 -15.95 11.03 25.60
C GLN B 98 -14.57 10.43 25.34
N ASN B 99 -14.34 9.98 24.11
CA ASN B 99 -13.10 9.30 23.71
C ASN B 99 -11.90 10.21 23.45
N LEU B 100 -12.11 11.53 23.43
CA LEU B 100 -11.03 12.48 23.12
C LEU B 100 -9.77 12.25 23.95
N SER B 101 -9.93 12.13 25.27
CA SER B 101 -8.81 11.85 26.17
C SER B 101 -7.99 10.65 25.69
N ASN B 102 -8.69 9.58 25.28
CA ASN B 102 -8.00 8.39 24.77
C ASN B 102 -7.22 8.68 23.48
N TRP B 103 -7.81 9.45 22.56
CA TRP B 103 -7.15 9.77 21.29
C TRP B 103 -5.93 10.66 21.48
N LYS B 104 -5.98 11.57 22.45
CA LYS B 104 -4.82 12.39 22.78
C LYS B 104 -3.70 11.52 23.38
N LYS B 105 -4.05 10.67 24.34
CA LYS B 105 -3.10 9.75 24.95
C LYS B 105 -2.46 8.80 23.91
N GLU B 106 -3.26 8.33 22.95
CA GLU B 106 -2.72 7.45 21.91
C GLU B 106 -1.77 8.20 20.97
N PHE B 107 -2.13 9.42 20.56
CA PHE B 107 -1.22 10.21 19.73
C PHE B 107 0.06 10.54 20.47
N ILE B 108 -0.04 10.83 21.75
CA ILE B 108 1.14 11.23 22.51
C ILE B 108 2.12 10.06 22.63
N TYR B 109 1.59 8.85 22.83
CA TYR B 109 2.43 7.66 22.94
C TYR B 109 3.13 7.31 21.62
N TYR B 110 2.38 7.22 20.53
CA TYR B 110 2.90 6.66 19.27
C TYR B 110 3.68 7.64 18.40
N ALA B 111 3.28 8.91 18.39
CA ALA B 111 4.15 9.93 17.82
C ALA B 111 5.30 10.28 18.76
N ASP B 112 5.20 9.82 20.00
CA ASP B 112 6.21 10.03 21.06
C ASP B 112 6.50 11.52 21.28
N VAL B 113 5.43 12.29 21.53
CA VAL B 113 5.58 13.72 21.78
C VAL B 113 5.96 13.93 23.25
N LYS B 114 7.25 14.24 23.44
CA LYS B 114 7.68 14.92 24.64
C LYS B 114 7.30 16.40 24.48
N GLU B 115 7.21 17.12 25.59
CA GLU B 115 6.59 18.46 25.61
C GLU B 115 5.13 18.41 25.11
N PRO B 116 4.27 17.54 25.71
CA PRO B 116 2.86 17.52 25.29
C PRO B 116 2.13 18.79 25.68
N GLU B 117 2.63 19.47 26.71
CA GLU B 117 2.04 20.71 27.21
C GLU B 117 2.05 21.84 26.17
N SER B 118 2.89 21.74 25.14
CA SER B 118 2.98 22.77 24.10
C SER B 118 2.69 22.31 22.67
N PHE B 119 2.55 20.99 22.43
CA PHE B 119 2.27 20.49 21.08
C PHE B 119 0.90 20.97 20.60
N PRO B 120 0.78 21.37 19.32
CA PRO B 120 -0.48 21.95 18.83
C PRO B 120 -1.56 20.91 18.54
N PHE B 121 -2.67 21.00 19.29
CA PHE B 121 -3.90 20.28 19.01
C PHE B 121 -5.00 21.28 18.63
N VAL B 122 -5.91 20.84 17.76
CA VAL B 122 -7.10 21.60 17.40
C VAL B 122 -8.28 20.65 17.46
N ILE B 123 -9.31 20.99 18.23
CA ILE B 123 -10.45 20.11 18.44
C ILE B 123 -11.57 20.43 17.44
N LEU B 124 -12.16 19.40 16.84
CA LEU B 124 -13.25 19.59 15.88
C LEU B 124 -14.50 18.85 16.30
N GLY B 125 -15.57 19.59 16.56
CA GLY B 125 -16.90 19.02 16.66
C GLY B 125 -17.58 19.07 15.31
N ASN B 126 -17.68 17.91 14.65
CA ASN B 126 -18.23 17.85 13.31
C ASN B 126 -19.72 17.50 13.33
N LYS B 127 -20.36 17.67 12.17
CA LYS B 127 -21.78 17.36 11.97
C LYS B 127 -22.70 18.30 12.75
N ILE B 128 -22.33 19.58 12.87
CA ILE B 128 -23.21 20.58 13.49
C ILE B 128 -24.49 20.83 12.69
N ASP B 129 -24.47 20.48 11.41
CA ASP B 129 -25.68 20.51 10.56
C ASP B 129 -26.79 19.57 11.05
N ILE B 130 -26.50 18.65 11.95
CA ILE B 130 -27.50 17.73 12.49
C ILE B 130 -28.14 18.37 13.72
N SER B 131 -29.46 18.52 13.66
CA SER B 131 -30.25 19.20 14.68
C SER B 131 -30.18 18.56 16.05
N GLU B 132 -30.41 17.26 16.11
CA GLU B 132 -30.39 16.58 17.37
C GLU B 132 -28.97 16.38 17.80
N ARG B 133 -28.47 17.35 18.57
CA ARG B 133 -27.15 17.27 19.10
C ARG B 133 -27.12 16.40 20.32
N GLN B 134 -25.97 15.82 20.58
CA GLN B 134 -25.76 14.94 21.71
C GLN B 134 -24.62 15.42 22.59
N VAL B 135 -23.88 16.43 22.10
CA VAL B 135 -22.87 17.16 22.86
C VAL B 135 -23.12 18.65 22.66
N SER B 136 -23.14 19.41 23.76
CA SER B 136 -23.37 20.85 23.72
C SER B 136 -22.07 21.60 23.43
N THR B 137 -22.22 22.86 23.00
CA THR B 137 -21.06 23.72 22.72
C THR B 137 -20.24 23.98 23.98
N GLU B 138 -20.90 24.27 25.10
CA GLU B 138 -20.19 24.65 26.33
C GLU B 138 -19.40 23.51 26.93
N GLU B 139 -19.96 22.30 26.93
CA GLU B 139 -19.24 21.16 27.49
C GLU B 139 -18.03 20.78 26.64
N ALA B 140 -18.12 20.97 25.32
CA ALA B 140 -16.97 20.79 24.44
C ALA B 140 -15.93 21.87 24.71
N GLN B 141 -16.37 23.12 24.79
CA GLN B 141 -15.49 24.24 25.14
C GLN B 141 -14.87 24.10 26.53
N ALA B 142 -15.63 23.52 27.47
CA ALA B 142 -15.11 23.19 28.79
C ALA B 142 -13.91 22.25 28.68
N TRP B 143 -14.09 21.13 27.97
CA TRP B 143 -13.04 20.11 27.84
C TRP B 143 -11.76 20.67 27.22
N CYS B 144 -11.90 21.57 26.24
CA CYS B 144 -10.75 22.17 25.56
C CYS B 144 -9.95 23.05 26.50
N ARG B 145 -10.65 23.88 27.29
CA ARG B 145 -9.98 24.76 28.26
C ARG B 145 -9.19 23.98 29.29
N ASP B 146 -9.68 22.79 29.66
CA ASP B 146 -9.11 22.05 30.78
C ASP B 146 -8.04 21.03 30.39
N ASN B 147 -7.94 20.68 29.12
CA ASN B 147 -7.04 19.62 28.67
C ASN B 147 -5.96 20.12 27.71
N GLY B 148 -5.59 21.39 27.81
CA GLY B 148 -4.55 21.97 26.99
C GLY B 148 -4.84 23.38 26.48
N ASP B 149 -6.07 23.85 26.70
CA ASP B 149 -6.57 25.12 26.14
C ASP B 149 -6.33 25.23 24.63
N TYR B 150 -7.00 24.36 23.90
CA TYR B 150 -6.89 24.18 22.45
C TYR B 150 -7.93 25.00 21.70
N PRO B 151 -7.68 25.36 20.43
CA PRO B 151 -8.76 25.96 19.64
C PRO B 151 -9.84 24.93 19.35
N TYR B 152 -11.11 25.35 19.45
CA TYR B 152 -12.25 24.48 19.20
C TYR B 152 -13.08 25.00 18.01
N PHE B 153 -13.40 24.10 17.09
CA PHE B 153 -14.14 24.43 15.88
C PHE B 153 -15.35 23.52 15.71
N GLU B 154 -16.53 24.14 15.66
CA GLU B 154 -17.73 23.40 15.30
C GLU B 154 -17.88 23.43 13.78
N THR B 155 -17.79 22.25 13.16
CA THR B 155 -17.70 22.15 11.71
C THR B 155 -18.82 21.29 11.15
N SER B 156 -19.03 21.44 9.85
CA SER B 156 -19.86 20.53 9.08
C SER B 156 -19.12 20.26 7.78
N ALA B 157 -18.68 19.02 7.59
CA ALA B 157 -18.18 18.60 6.28
C ALA B 157 -19.30 18.67 5.24
N LYS B 158 -20.53 18.37 5.65
CA LYS B 158 -21.68 18.45 4.74
C LYS B 158 -21.88 19.89 4.22
N ASP B 159 -22.01 20.86 5.14
CA ASP B 159 -22.23 22.28 4.77
C ASP B 159 -21.00 23.06 4.35
N ALA B 160 -19.81 22.58 4.72
CA ALA B 160 -18.52 23.29 4.67
C ALA B 160 -18.30 24.26 5.83
N THR B 161 -19.25 24.40 6.77
CA THR B 161 -19.10 25.33 7.90
C THR B 161 -17.78 25.14 8.64
N ASN B 162 -17.00 26.22 8.73
CA ASN B 162 -15.77 26.30 9.53
C ASN B 162 -14.69 25.27 9.16
N VAL B 163 -14.86 24.56 8.04
CA VAL B 163 -13.90 23.53 7.66
C VAL B 163 -12.55 24.17 7.29
N ALA B 164 -12.57 25.08 6.31
CA ALA B 164 -11.37 25.80 5.88
C ALA B 164 -10.67 26.47 7.06
N ALA B 165 -11.46 27.07 7.95
CA ALA B 165 -10.93 27.80 9.10
C ALA B 165 -10.18 26.89 10.06
N ALA B 166 -10.76 25.70 10.31
CA ALA B 166 -10.14 24.70 11.16
C ALA B 166 -8.75 24.28 10.69
N PHE B 167 -8.64 23.92 9.40
CA PHE B 167 -7.35 23.51 8.86
C PHE B 167 -6.34 24.67 8.88
N GLU B 168 -6.79 25.87 8.48
CA GLU B 168 -5.92 27.04 8.48
C GLU B 168 -5.36 27.33 9.86
N GLU B 169 -6.19 27.20 10.89
CA GLU B 169 -5.78 27.43 12.27
C GLU B 169 -4.66 26.47 12.69
N ALA B 170 -4.71 25.23 12.24
CA ALA B 170 -3.66 24.24 12.51
C ALA B 170 -2.30 24.70 12.00
N VAL B 171 -2.27 25.27 10.79
CA VAL B 171 -1.05 25.87 10.26
C VAL B 171 -0.55 27.01 11.17
N ARG B 172 -1.47 27.87 11.61
CA ARG B 172 -1.12 28.94 12.56
C ARG B 172 -0.47 28.41 13.83
N ARG B 173 -1.04 27.35 14.42
CA ARG B 173 -0.47 26.78 15.64
C ARG B 173 0.94 26.26 15.39
N VAL B 174 1.14 25.69 14.19
CA VAL B 174 2.46 25.22 13.78
C VAL B 174 3.42 26.40 13.55
N LEU B 175 2.99 27.40 12.79
CA LEU B 175 3.80 28.62 12.62
C LEU B 175 4.14 29.30 13.94
N ALA B 176 3.21 29.26 14.90
CA ALA B 176 3.40 29.91 16.20
C ALA B 176 4.45 29.21 17.06
N THR B 177 4.58 27.90 16.92
CA THR B 177 5.57 27.13 17.69
C THR B 177 6.86 26.88 16.91
N GLU B 178 6.81 26.92 15.57
CA GLU B 178 8.01 26.92 14.74
C GLU B 178 8.77 28.26 14.91
N ASP B 179 8.04 29.35 15.12
CA ASP B 179 8.60 30.66 15.51
C ASP B 179 8.99 30.71 17.00
N ARG B 180 8.82 29.58 17.71
CA ARG B 180 9.24 29.42 19.11
C ARG B 180 10.65 28.82 19.24
N SER B 181 11.24 28.38 18.12
CA SER B 181 12.67 28.03 18.00
C SER B 181 13.24 27.14 19.12
N ASP C 2 8.85 12.91 -1.92
CA ASP C 2 8.70 12.03 -0.75
C ASP C 2 7.34 11.36 -0.81
N ASP C 3 6.46 11.84 -1.69
CA ASP C 3 5.11 11.27 -1.83
C ASP C 3 5.15 9.82 -2.32
N LEU C 4 6.03 9.52 -3.26
CA LEU C 4 6.24 8.16 -3.70
C LEU C 4 6.80 7.31 -2.55
N ALA C 5 7.81 7.83 -1.87
CA ALA C 5 8.38 7.15 -0.69
C ALA C 5 7.32 6.88 0.36
N GLN C 6 6.44 7.86 0.59
CA GLN C 6 5.46 7.78 1.66
C GLN C 6 4.31 6.82 1.33
N THR C 7 3.89 6.79 0.06
CA THR C 7 2.92 5.82 -0.40
C THR C 7 3.43 4.39 -0.23
N LYS C 8 4.71 4.17 -0.58
CA LYS C 8 5.37 2.85 -0.38
C LYS C 8 5.32 2.41 1.07
N ALA C 9 5.51 3.35 2.00
CA ALA C 9 5.45 3.06 3.42
C ALA C 9 4.05 2.60 3.83
N ILE C 10 3.03 3.23 3.27
CA ILE C 10 1.64 2.87 3.55
C ILE C 10 1.35 1.47 3.01
N LYS C 11 1.69 1.23 1.74
CA LYS C 11 1.58 -0.10 1.15
C LYS C 11 2.28 -1.16 2.03
N ASP C 12 3.48 -0.83 2.52
CA ASP C 12 4.21 -1.74 3.40
C ASP C 12 3.41 -2.08 4.63
N GLN C 13 2.85 -1.05 5.28
CA GLN C 13 2.00 -1.29 6.44
C GLN C 13 0.77 -2.12 6.11
N LEU C 14 0.15 -1.83 4.96
CA LEU C 14 -0.99 -2.60 4.49
C LEU C 14 -0.63 -4.08 4.32
N GLN C 15 0.51 -4.34 3.69
CA GLN C 15 1.01 -5.70 3.49
C GLN C 15 1.31 -6.37 4.82
N LYS C 16 1.92 -5.62 5.73
CA LYS C 16 2.15 -6.08 7.10
C LYS C 16 0.85 -6.47 7.80
N TYR C 17 -0.19 -5.67 7.62
CA TYR C 17 -1.50 -5.91 8.25
C TYR C 17 -2.14 -7.19 7.75
N ILE C 18 -2.11 -7.40 6.43
CA ILE C 18 -2.63 -8.62 5.81
C ILE C 18 -1.89 -9.84 6.34
N ARG C 19 -0.57 -9.73 6.47
CA ARG C 19 0.23 -10.80 7.07
C ARG C 19 -0.29 -11.11 8.47
N GLU C 20 -0.52 -10.07 9.28
CA GLU C 20 -1.06 -10.26 10.63
C GLU C 20 -2.46 -10.86 10.59
N LEU C 21 -3.32 -10.36 9.70
CA LEU C 21 -4.66 -10.91 9.50
C LEU C 21 -4.60 -12.39 9.11
N GLU C 22 -3.74 -12.69 8.12
CA GLU C 22 -3.49 -14.06 7.70
C GLU C 22 -3.08 -14.95 8.88
N GLN C 23 -2.30 -14.40 9.82
CA GLN C 23 -1.91 -15.13 11.04
C GLN C 23 -3.11 -15.36 11.96
N ALA C 24 -3.99 -14.36 12.06
CA ALA C 24 -5.18 -14.46 12.90
C ALA C 24 -6.08 -15.60 12.45
N ASN C 25 -6.24 -15.76 11.13
CA ASN C 25 -7.08 -16.83 10.59
C ASN C 25 -6.43 -18.20 10.72
N ASP C 26 -5.09 -18.24 10.66
CA ASP C 26 -4.36 -19.47 10.94
C ASP C 26 -4.58 -19.94 12.37
N ASP C 27 -4.77 -18.99 13.30
CA ASP C 27 -5.09 -19.30 14.70
C ASP C 27 -6.50 -19.85 14.89
N LEU C 28 -7.47 -19.28 14.16
CA LEU C 28 -8.86 -19.74 14.26
C LEU C 28 -9.06 -21.07 13.54
N GLU C 29 -8.40 -21.24 12.38
CA GLU C 29 -8.45 -22.52 11.67
C GLU C 29 -7.79 -23.65 12.47
N ARG C 30 -6.65 -23.35 13.11
CA ARG C 30 -6.01 -24.35 13.99
C ARG C 30 -6.79 -24.55 15.30
N ALA C 31 -7.62 -23.56 15.67
CA ALA C 31 -8.56 -23.71 16.78
C ALA C 31 -9.71 -24.65 16.43
N LYS C 32 -10.22 -24.55 15.19
CA LYS C 32 -11.29 -25.43 14.69
C LYS C 32 -10.85 -26.89 14.59
N ARG C 33 -9.58 -27.11 14.22
CA ARG C 33 -9.06 -28.46 14.09
C ARG C 33 -8.87 -29.18 15.42
N ALA C 34 -8.63 -28.40 16.49
CA ALA C 34 -8.43 -28.97 17.84
C ALA C 34 -9.71 -29.55 18.48
N MET D 1 3.38 11.02 -12.94
CA MET D 1 3.53 10.28 -11.68
C MET D 1 3.34 8.81 -11.87
N ASP D 2 3.66 8.25 -13.04
CA ASP D 2 3.20 6.88 -13.25
C ASP D 2 3.76 5.91 -12.22
N ASP D 3 4.98 6.16 -11.69
CA ASP D 3 5.47 5.36 -10.56
C ASP D 3 4.69 5.59 -9.26
N LEU D 4 4.48 6.86 -8.89
CA LEU D 4 3.61 7.21 -7.77
C LEU D 4 2.21 6.64 -7.99
N ALA D 5 1.64 6.94 -9.17
CA ALA D 5 0.33 6.44 -9.57
C ALA D 5 0.27 4.91 -9.45
N GLN D 6 1.23 4.22 -10.07
CA GLN D 6 1.28 2.76 -9.99
C GLN D 6 1.29 2.26 -8.56
N THR D 7 2.09 2.91 -7.70
CA THR D 7 2.18 2.53 -6.30
C THR D 7 0.86 2.81 -5.58
N LYS D 8 0.23 3.95 -5.87
CA LYS D 8 -1.13 4.22 -5.40
C LYS D 8 -2.07 3.07 -5.79
N ALA D 9 -2.00 2.65 -7.06
CA ALA D 9 -2.83 1.55 -7.57
C ALA D 9 -2.62 0.25 -6.79
N ILE D 10 -1.37 -0.05 -6.45
CA ILE D 10 -1.08 -1.24 -5.66
C ILE D 10 -1.66 -1.10 -4.25
N LYS D 11 -1.41 0.05 -3.63
CA LYS D 11 -1.97 0.34 -2.31
C LYS D 11 -3.50 0.16 -2.31
N ASP D 12 -4.18 0.71 -3.31
CA ASP D 12 -5.64 0.60 -3.42
C ASP D 12 -6.10 -0.84 -3.48
N GLN D 13 -5.40 -1.66 -4.27
CA GLN D 13 -5.74 -3.06 -4.43
C GLN D 13 -5.58 -3.83 -3.13
N LEU D 14 -4.55 -3.48 -2.33
CA LEU D 14 -4.36 -4.05 -1.00
C LEU D 14 -5.49 -3.68 -0.05
N GLN D 15 -6.01 -2.46 -0.19
CA GLN D 15 -7.11 -2.00 0.66
C GLN D 15 -8.44 -2.66 0.31
N LYS D 16 -8.68 -2.92 -1.00
CA LYS D 16 -9.79 -3.76 -1.43
C LYS D 16 -9.74 -5.12 -0.74
N TYR D 17 -8.57 -5.75 -0.75
CA TYR D 17 -8.37 -7.09 -0.16
C TYR D 17 -8.72 -7.10 1.33
N ILE D 18 -8.29 -6.08 2.07
CA ILE D 18 -8.64 -5.97 3.47
C ILE D 18 -10.14 -5.72 3.66
N ARG D 19 -10.73 -4.88 2.80
CA ARG D 19 -12.14 -4.53 2.91
C ARG D 19 -13.06 -5.75 2.84
N GLU D 20 -12.64 -6.76 2.08
CA GLU D 20 -13.40 -7.97 1.85
C GLU D 20 -13.13 -9.05 2.90
N LEU D 21 -11.88 -9.17 3.37
CA LEU D 21 -11.60 -9.98 4.54
C LEU D 21 -12.43 -9.53 5.76
N GLU D 22 -12.42 -8.22 6.03
CA GLU D 22 -13.06 -7.70 7.24
C GLU D 22 -14.58 -7.87 7.22
N GLN D 23 -15.20 -7.66 6.05
CA GLN D 23 -16.67 -7.73 5.94
C GLN D 23 -17.21 -9.15 6.12
N ALA D 24 -16.40 -10.17 5.81
CA ALA D 24 -16.78 -11.56 6.09
C ALA D 24 -16.67 -11.82 7.58
N ASN D 25 -15.49 -11.55 8.13
CA ASN D 25 -15.22 -11.67 9.56
C ASN D 25 -16.17 -10.76 10.36
#